data_3ZYF
#
_entry.id   3ZYF
#
_cell.length_a   84.562
_cell.length_b   84.562
_cell.length_c   163.709
_cell.angle_alpha   90.00
_cell.angle_beta   90.00
_cell.angle_gamma   90.00
#
_symmetry.space_group_name_H-M   'P 41 21 2'
#
loop_
_entity.id
_entity.type
_entity.pdbx_description
1 polymer 'PA-I GALACTOPHILIC LECTIN'
2 non-polymer 'CALCIUM ION'
3 non-polymer '4-nitrophenyl beta-D-galactopyranoside'
4 water water
#
_entity_poly.entity_id   1
_entity_poly.type   'polypeptide(L)'
_entity_poly.pdbx_seq_one_letter_code
;MAWKGEVLANNEAGQVTSIIYNPGDVITIVAAGWASYGPTQKWGPQGDREHPDQGLICHDAFCGALVMKIGNSGTIPVNT
GLFRWVAPNNVQGAITLIYNDVPGTYGNNSGSFSVNIGKDQS
;
_entity_poly.pdbx_strand_id   A,B,C,D
#
loop_
_chem_comp.id
_chem_comp.type
_chem_comp.name
_chem_comp.formula
147 D-saccharide '4-nitrophenyl beta-D-galactopyranoside' 'C12 H15 N O8'
CA non-polymer 'CALCIUM ION' 'Ca 2'
#
# COMPACT_ATOMS: atom_id res chain seq x y z
N ALA A 2 -28.48 -6.57 16.55
CA ALA A 2 -28.12 -5.89 15.30
C ALA A 2 -29.27 -5.01 14.82
N TRP A 3 -28.95 -3.98 14.06
CA TRP A 3 -29.95 -3.05 13.54
C TRP A 3 -29.69 -2.75 12.08
N LYS A 4 -30.78 -2.68 11.30
CA LYS A 4 -30.71 -2.28 9.90
C LYS A 4 -31.84 -1.31 9.63
N GLY A 5 -31.55 -0.24 8.90
CA GLY A 5 -32.57 0.75 8.59
C GLY A 5 -32.09 1.86 7.69
N GLU A 6 -32.99 2.78 7.38
CA GLU A 6 -32.67 3.93 6.54
C GLU A 6 -32.47 5.18 7.40
N VAL A 7 -31.52 6.01 7.00
CA VAL A 7 -31.33 7.31 7.63
C VAL A 7 -31.60 8.38 6.59
N LEU A 8 -32.75 9.05 6.71
CA LEU A 8 -33.13 10.07 5.73
C LEU A 8 -32.31 11.34 5.90
N ALA A 9 -31.87 11.90 4.77
CA ALA A 9 -31.02 13.08 4.76
C ALA A 9 -31.74 14.32 5.34
N ASN A 10 -33.06 14.34 5.24
CA ASN A 10 -33.83 15.48 5.73
C ASN A 10 -34.33 15.32 7.16
N ASN A 11 -33.85 14.30 7.85
CA ASN A 11 -34.24 14.05 9.23
C ASN A 11 -33.28 14.73 10.21
N GLU A 12 -33.59 15.98 10.55
CA GLU A 12 -32.71 16.77 11.41
C GLU A 12 -32.53 16.13 12.79
N ALA A 13 -33.58 15.51 13.29
CA ALA A 13 -33.54 14.91 14.63
C ALA A 13 -32.68 13.65 14.66
N GLY A 14 -32.48 13.05 13.49
CA GLY A 14 -31.68 11.85 13.39
C GLY A 14 -32.51 10.58 13.55
N GLN A 15 -31.95 9.46 13.11
CA GLN A 15 -32.62 8.18 13.17
C GLN A 15 -32.14 7.40 14.39
N VAL A 16 -33.05 7.15 15.32
CA VAL A 16 -32.70 6.36 16.50
C VAL A 16 -32.64 4.89 16.12
N THR A 17 -31.59 4.20 16.59
CA THR A 17 -31.45 2.78 16.33
C THR A 17 -31.81 1.97 17.57
N SER A 18 -31.75 0.64 17.44
CA SER A 18 -32.04 -0.24 18.57
C SER A 18 -30.76 -0.54 19.35
N ILE A 19 -29.65 0.00 18.89
CA ILE A 19 -28.35 -0.30 19.48
C ILE A 19 -28.04 0.59 20.70
N ILE A 20 -27.76 -0.06 21.82
CA ILE A 20 -27.29 0.66 23.01
C ILE A 20 -25.81 0.34 23.19
N TYR A 21 -24.95 1.32 23.02
CA TYR A 21 -23.52 1.09 23.20
C TYR A 21 -23.14 1.04 24.67
N ASN A 22 -22.57 -0.08 25.10
CA ASN A 22 -22.14 -0.24 26.48
C ASN A 22 -20.62 -0.32 26.55
N PRO A 23 -20.04 0.06 27.69
CA PRO A 23 -18.59 -0.01 27.85
C PRO A 23 -18.04 -1.37 27.41
N GLY A 24 -16.97 -1.35 26.61
CA GLY A 24 -16.33 -2.57 26.18
C GLY A 24 -16.89 -3.12 24.88
N ASP A 25 -18.04 -2.61 24.46
CA ASP A 25 -18.66 -3.07 23.21
C ASP A 25 -17.77 -2.80 22.02
N VAL A 26 -17.68 -3.78 21.13
CA VAL A 26 -17.05 -3.58 19.83
C VAL A 26 -18.15 -3.64 18.79
N ILE A 27 -18.25 -2.60 17.96
CA ILE A 27 -19.31 -2.56 16.94
C ILE A 27 -18.78 -2.38 15.53
N THR A 28 -19.59 -2.78 14.56
CA THR A 28 -19.27 -2.58 13.16
C THR A 28 -20.47 -1.94 12.48
N ILE A 29 -20.21 -0.96 11.63
CA ILE A 29 -21.25 -0.27 10.90
C ILE A 29 -20.90 -0.26 9.42
N VAL A 30 -21.90 -0.53 8.58
CA VAL A 30 -21.75 -0.36 7.14
C VAL A 30 -22.87 0.51 6.62
N ALA A 31 -22.52 1.59 5.93
CA ALA A 31 -23.51 2.52 5.39
C ALA A 31 -23.33 2.64 3.89
N ALA A 32 -24.44 2.75 3.18
CA ALA A 32 -24.42 2.86 1.72
C ALA A 32 -25.60 3.68 1.21
N GLY A 33 -25.50 4.15 -0.02
CA GLY A 33 -26.57 4.90 -0.64
C GLY A 33 -26.19 6.29 -1.10
N TRP A 34 -27.18 7.06 -1.51
CA TRP A 34 -26.97 8.36 -2.11
C TRP A 34 -27.92 9.40 -1.52
N ALA A 35 -27.38 10.54 -1.16
CA ALA A 35 -28.18 11.60 -0.55
C ALA A 35 -27.66 12.97 -0.96
N SER A 36 -28.45 14.00 -0.70
CA SER A 36 -28.06 15.36 -1.00
C SER A 36 -28.48 16.32 0.10
N TYR A 37 -27.66 17.33 0.33
CA TYR A 37 -27.96 18.39 1.28
C TYR A 37 -28.52 19.61 0.55
N GLY A 38 -29.03 19.42 -0.66
CA GLY A 38 -29.60 20.53 -1.41
C GLY A 38 -29.48 20.44 -2.93
N PRO A 39 -28.24 20.35 -3.45
CA PRO A 39 -28.01 20.29 -4.89
C PRO A 39 -28.66 19.08 -5.55
N THR A 40 -28.81 19.11 -6.87
CA THR A 40 -29.40 17.99 -7.61
C THR A 40 -28.48 16.79 -7.59
N GLN A 41 -27.18 17.05 -7.47
CA GLN A 41 -26.17 16.00 -7.37
C GLN A 41 -26.37 15.23 -6.07
N LYS A 42 -25.77 14.04 -5.99
CA LYS A 42 -25.87 13.25 -4.77
C LYS A 42 -24.50 12.73 -4.35
N TRP A 43 -24.34 12.51 -3.05
CA TRP A 43 -23.07 12.06 -2.49
C TRP A 43 -23.29 10.83 -1.62
N GLY A 44 -22.23 10.02 -1.49
CA GLY A 44 -22.28 8.84 -0.65
C GLY A 44 -22.11 9.22 0.80
N PRO A 45 -21.97 8.22 1.68
CA PRO A 45 -21.89 8.36 3.15
C PRO A 45 -20.70 9.19 3.62
N GLN A 46 -19.73 9.44 2.75
CA GLN A 46 -18.59 10.27 3.12
C GLN A 46 -18.85 11.75 2.86
N GLY A 47 -19.95 12.04 2.17
CA GLY A 47 -20.37 13.40 1.93
C GLY A 47 -19.66 14.06 0.76
N ASP A 48 -19.68 15.40 0.74
CA ASP A 48 -19.11 16.18 -0.34
C ASP A 48 -17.79 16.81 0.09
N ARG A 49 -16.68 16.25 -0.37
CA ARG A 49 -15.35 16.70 0.05
C ARG A 49 -14.98 18.11 -0.42
N GLU A 50 -15.77 18.66 -1.33
CA GLU A 50 -15.46 19.97 -1.91
C GLU A 50 -16.30 21.11 -1.33
N HIS A 51 -17.21 20.77 -0.40
CA HIS A 51 -18.10 21.76 0.18
C HIS A 51 -17.54 22.25 1.52
N PRO A 52 -17.50 23.57 1.72
CA PRO A 52 -16.98 24.13 2.98
C PRO A 52 -17.93 23.93 4.15
N ASP A 53 -17.35 23.80 5.34
CA ASP A 53 -18.11 23.67 6.57
C ASP A 53 -18.64 25.04 6.99
N GLN A 54 -19.96 25.20 6.91
CA GLN A 54 -20.60 26.48 7.25
C GLN A 54 -21.44 26.39 8.52
N GLY A 55 -21.04 25.52 9.44
CA GLY A 55 -21.76 25.35 10.69
C GLY A 55 -22.39 23.97 10.83
N LEU A 56 -21.72 22.96 10.28
CA LEU A 56 -22.22 21.58 10.31
C LEU A 56 -22.35 21.03 11.73
N ILE A 57 -23.23 20.05 11.92
CA ILE A 57 -23.39 19.45 13.24
C ILE A 57 -22.18 18.60 13.62
N CYS A 58 -21.39 18.22 12.62
CA CYS A 58 -20.13 17.53 12.86
C CYS A 58 -19.04 18.16 12.02
N HIS A 59 -18.08 18.81 12.68
CA HIS A 59 -17.01 19.48 11.97
C HIS A 59 -15.89 18.53 11.55
N ASP A 60 -15.97 17.29 12.04
CA ASP A 60 -14.98 16.27 11.71
C ASP A 60 -15.39 15.41 10.52
N ALA A 61 -16.48 15.78 9.87
CA ALA A 61 -16.95 15.06 8.69
C ALA A 61 -17.43 16.06 7.66
N PHE A 62 -17.42 15.65 6.39
CA PHE A 62 -17.84 16.54 5.31
C PHE A 62 -19.35 16.75 5.36
N CYS A 63 -19.81 17.84 4.78
CA CYS A 63 -21.24 18.06 4.62
C CYS A 63 -21.82 16.89 3.81
N GLY A 64 -22.93 16.31 4.30
CA GLY A 64 -23.57 15.22 3.59
C GLY A 64 -23.06 13.85 3.98
N ALA A 65 -22.17 13.82 4.98
CA ALA A 65 -21.65 12.54 5.49
C ALA A 65 -22.57 11.97 6.55
N LEU A 66 -22.45 10.67 6.81
CA LEU A 66 -23.18 10.06 7.90
C LEU A 66 -22.39 10.23 9.21
N VAL A 67 -23.06 10.72 10.23
CA VAL A 67 -22.46 10.84 11.56
C VAL A 67 -23.39 10.21 12.59
N MET A 68 -22.95 10.14 13.84
CA MET A 68 -23.77 9.57 14.88
C MET A 68 -23.58 10.27 16.22
N LYS A 69 -24.55 10.08 17.11
CA LYS A 69 -24.41 10.47 18.50
C LYS A 69 -24.63 9.21 19.34
N ILE A 70 -23.88 9.09 20.43
CA ILE A 70 -24.06 7.95 21.33
C ILE A 70 -24.41 8.49 22.71
N GLY A 71 -25.61 8.18 23.17
CA GLY A 71 -26.10 8.77 24.40
C GLY A 71 -26.08 10.28 24.27
N ASN A 72 -25.43 10.96 25.21
CA ASN A 72 -25.32 12.41 25.15
C ASN A 72 -23.98 12.90 24.61
N SER A 73 -23.32 12.07 23.80
CA SER A 73 -22.04 12.43 23.21
C SER A 73 -22.22 13.52 22.17
N GLY A 74 -21.11 14.10 21.73
CA GLY A 74 -21.13 14.99 20.59
C GLY A 74 -21.19 14.13 19.33
N THR A 75 -21.18 14.77 18.17
CA THR A 75 -21.22 14.02 16.92
C THR A 75 -19.93 13.26 16.68
N ILE A 76 -20.05 12.05 16.12
CA ILE A 76 -18.91 11.22 15.77
C ILE A 76 -19.05 10.77 14.33
N PRO A 77 -18.00 10.98 13.51
CA PRO A 77 -18.11 10.60 12.09
C PRO A 77 -18.31 9.10 11.93
N VAL A 78 -19.19 8.72 11.01
CA VAL A 78 -19.38 7.32 10.65
C VAL A 78 -18.89 7.08 9.23
N ASN A 79 -19.22 8.02 8.35
CA ASN A 79 -18.85 7.91 6.94
C ASN A 79 -19.36 6.60 6.32
N THR A 80 -18.48 5.85 5.66
CA THR A 80 -18.90 4.59 5.05
C THR A 80 -19.13 3.51 6.10
N GLY A 81 -18.64 3.74 7.31
CA GLY A 81 -18.84 2.78 8.39
C GLY A 81 -17.64 2.63 9.31
N LEU A 82 -17.77 1.74 10.28
CA LEU A 82 -16.72 1.50 11.26
C LEU A 82 -16.50 0.02 11.41
N PHE A 83 -15.23 -0.40 11.48
CA PHE A 83 -14.91 -1.82 11.56
C PHE A 83 -14.39 -2.19 12.94
N ARG A 84 -15.17 -2.99 13.67
CA ARG A 84 -14.79 -3.43 15.01
C ARG A 84 -14.27 -2.27 15.84
N TRP A 85 -15.17 -1.32 16.08
CA TRP A 85 -14.85 -0.01 16.63
C TRP A 85 -15.24 0.08 18.11
N VAL A 86 -14.37 0.69 18.90
CA VAL A 86 -14.64 0.92 20.32
C VAL A 86 -14.78 2.41 20.58
N ALA A 87 -15.75 2.78 21.40
CA ALA A 87 -16.04 4.19 21.66
C ALA A 87 -14.99 4.85 22.55
N PRO A 88 -14.91 6.20 22.49
CA PRO A 88 -14.02 6.95 23.38
C PRO A 88 -14.43 6.76 24.84
N ASN A 89 -13.55 7.14 25.76
CA ASN A 89 -13.82 7.00 27.18
C ASN A 89 -15.10 7.72 27.59
N ASN A 90 -15.90 7.06 28.43
CA ASN A 90 -17.11 7.65 29.00
C ASN A 90 -18.26 7.81 28.01
N VAL A 91 -18.10 7.25 26.82
CA VAL A 91 -19.15 7.32 25.81
C VAL A 91 -19.99 6.05 25.82
N GLN A 92 -21.30 6.21 26.04
CA GLN A 92 -22.21 5.08 26.00
C GLN A 92 -23.66 5.56 25.89
N GLY A 93 -24.55 4.64 25.52
CA GLY A 93 -25.95 4.96 25.37
C GLY A 93 -26.47 4.62 23.99
N ALA A 94 -27.73 4.99 23.75
CA ALA A 94 -28.37 4.68 22.47
C ALA A 94 -27.62 5.33 21.32
N ILE A 95 -27.54 4.62 20.19
CA ILE A 95 -26.94 5.18 18.99
C ILE A 95 -28.01 5.82 18.10
N THR A 96 -27.78 7.09 17.75
CA THR A 96 -28.65 7.80 16.81
C THR A 96 -27.82 8.17 15.60
N LEU A 97 -28.32 7.85 14.42
CA LEU A 97 -27.62 8.18 13.17
C LEU A 97 -28.18 9.48 12.61
N ILE A 98 -27.30 10.30 12.05
CA ILE A 98 -27.71 11.62 11.56
C ILE A 98 -26.95 12.03 10.31
N TYR A 99 -27.67 12.60 9.35
CA TYR A 99 -27.08 13.21 8.17
C TYR A 99 -26.39 14.52 8.57
N ASN A 100 -25.14 14.70 8.15
CA ASN A 100 -24.38 15.89 8.53
C ASN A 100 -24.74 17.10 7.68
N ASP A 101 -25.45 18.05 8.28
CA ASP A 101 -25.82 19.27 7.58
C ASP A 101 -25.87 20.43 8.58
N VAL A 102 -26.12 21.63 8.09
CA VAL A 102 -26.24 22.80 8.96
C VAL A 102 -27.63 22.85 9.58
N PRO A 103 -27.69 23.04 10.91
CA PRO A 103 -28.98 23.09 11.61
C PRO A 103 -29.92 24.11 10.96
N GLY A 104 -31.18 23.73 10.79
CA GLY A 104 -32.17 24.61 10.19
C GLY A 104 -32.22 24.54 8.67
N THR A 105 -31.37 23.71 8.07
CA THR A 105 -31.32 23.62 6.61
C THR A 105 -31.65 22.24 6.06
N TYR A 106 -32.10 21.33 6.92
CA TYR A 106 -32.39 19.96 6.49
C TYR A 106 -33.57 19.88 5.53
N GLY A 107 -34.43 20.89 5.54
CA GLY A 107 -35.66 20.90 4.77
C GLY A 107 -35.54 20.52 3.30
N ASN A 108 -34.45 20.93 2.66
CA ASN A 108 -34.28 20.69 1.23
C ASN A 108 -33.42 19.47 0.91
N ASN A 109 -33.18 18.64 1.92
CA ASN A 109 -32.39 17.42 1.74
C ASN A 109 -33.20 16.30 1.09
N SER A 110 -32.51 15.38 0.43
CA SER A 110 -33.16 14.25 -0.20
C SER A 110 -32.28 13.01 -0.16
N GLY A 111 -32.88 11.85 -0.41
CA GLY A 111 -32.15 10.60 -0.38
C GLY A 111 -31.94 10.10 1.04
N SER A 112 -31.18 9.01 1.16
CA SER A 112 -30.97 8.39 2.45
C SER A 112 -29.85 7.38 2.37
N PHE A 113 -29.35 6.97 3.53
CA PHE A 113 -28.37 5.90 3.57
C PHE A 113 -29.00 4.67 4.21
N SER A 114 -28.71 3.51 3.65
CA SER A 114 -29.08 2.25 4.29
C SER A 114 -27.93 1.87 5.20
N VAL A 115 -28.24 1.55 6.44
CA VAL A 115 -27.18 1.33 7.43
C VAL A 115 -27.38 0.04 8.21
N ASN A 116 -26.29 -0.72 8.36
CA ASN A 116 -26.28 -1.89 9.22
C ASN A 116 -25.37 -1.65 10.42
N ILE A 117 -25.87 -1.98 11.61
CA ILE A 117 -25.04 -1.92 12.82
C ILE A 117 -25.13 -3.24 13.57
N GLY A 118 -23.98 -3.75 14.00
CA GLY A 118 -23.94 -4.97 14.77
C GLY A 118 -22.86 -4.92 15.82
N LYS A 119 -23.04 -5.68 16.89
CA LYS A 119 -21.99 -5.82 17.88
C LYS A 119 -21.12 -7.03 17.52
N ASP A 120 -19.81 -6.83 17.61
CA ASP A 120 -18.86 -7.90 17.32
C ASP A 120 -18.54 -8.68 18.58
N GLN A 121 -18.00 -9.89 18.40
CA GLN A 121 -17.59 -10.70 19.54
C GLN A 121 -16.43 -10.03 20.28
N SER A 122 -16.48 -10.08 21.60
CA SER A 122 -15.39 -9.60 22.43
C SER A 122 -14.90 -10.75 23.30
N ALA B 2 -8.52 -11.57 10.27
CA ALA B 2 -9.00 -10.37 9.58
C ALA B 2 -7.89 -9.72 8.77
N TRP B 3 -8.25 -9.14 7.64
CA TRP B 3 -7.29 -8.50 6.75
C TRP B 3 -7.56 -7.00 6.67
N LYS B 4 -6.48 -6.21 6.66
CA LYS B 4 -6.58 -4.78 6.42
C LYS B 4 -5.47 -4.30 5.50
N GLY B 5 -5.82 -3.46 4.53
CA GLY B 5 -4.85 -2.95 3.59
C GLY B 5 -5.41 -1.86 2.70
N GLU B 6 -4.56 -1.31 1.85
CA GLU B 6 -4.96 -0.29 0.90
C GLU B 6 -5.12 -0.90 -0.49
N VAL B 7 -6.13 -0.44 -1.22
CA VAL B 7 -6.31 -0.84 -2.60
C VAL B 7 -6.11 0.38 -3.48
N LEU B 8 -4.98 0.41 -4.20
CA LEU B 8 -4.67 1.54 -5.06
C LEU B 8 -5.54 1.55 -6.31
N ALA B 9 -5.97 2.75 -6.70
CA ALA B 9 -6.85 2.92 -7.85
C ALA B 9 -6.15 2.56 -9.16
N ASN B 10 -4.83 2.70 -9.20
CA ASN B 10 -4.08 2.42 -10.42
C ASN B 10 -3.57 0.98 -10.50
N ASN B 11 -3.99 0.14 -9.55
CA ASN B 11 -3.58 -1.25 -9.53
C ASN B 11 -4.53 -2.14 -10.33
N GLU B 12 -4.27 -2.24 -11.64
CA GLU B 12 -5.14 -2.99 -12.53
C GLU B 12 -5.29 -4.46 -12.13
N ALA B 13 -4.21 -5.06 -11.63
CA ALA B 13 -4.23 -6.47 -11.25
C ALA B 13 -5.05 -6.71 -10.00
N GLY B 14 -5.23 -5.66 -9.20
CA GLY B 14 -6.00 -5.77 -7.97
C GLY B 14 -5.15 -6.14 -6.76
N GLN B 15 -5.70 -5.96 -5.57
CA GLN B 15 -5.01 -6.29 -4.34
C GLN B 15 -5.49 -7.62 -3.76
N VAL B 16 -4.60 -8.60 -3.72
CA VAL B 16 -4.93 -9.89 -3.12
C VAL B 16 -4.96 -9.76 -1.61
N THR B 17 -5.96 -10.36 -0.98
CA THR B 17 -6.08 -10.34 0.47
C THR B 17 -5.65 -11.69 1.03
N SER B 18 -5.61 -11.78 2.35
CA SER B 18 -5.26 -13.04 3.01
C SER B 18 -6.53 -13.85 3.30
N ILE B 19 -7.66 -13.32 2.84
CA ILE B 19 -8.95 -13.97 3.09
C ILE B 19 -9.27 -15.01 2.03
N ILE B 20 -9.59 -16.22 2.47
CA ILE B 20 -10.05 -17.28 1.58
C ILE B 20 -11.50 -17.58 1.88
N TYR B 21 -12.41 -17.20 0.98
CA TYR B 21 -13.82 -17.45 1.22
C TYR B 21 -14.18 -18.92 0.99
N ASN B 22 -14.65 -19.57 2.04
CA ASN B 22 -15.09 -20.96 1.96
C ASN B 22 -16.61 -21.04 2.04
N PRO B 23 -17.20 -22.11 1.48
CA PRO B 23 -18.65 -22.31 1.51
C PRO B 23 -19.21 -22.15 2.92
N GLY B 24 -20.22 -21.30 3.08
CA GLY B 24 -20.86 -21.11 4.37
C GLY B 24 -20.31 -19.92 5.13
N ASP B 25 -19.12 -19.45 4.75
CA ASP B 25 -18.51 -18.32 5.42
C ASP B 25 -19.40 -17.08 5.40
N VAL B 26 -19.38 -16.33 6.50
CA VAL B 26 -20.03 -15.04 6.54
C VAL B 26 -18.93 -13.99 6.70
N ILE B 27 -18.95 -12.96 5.86
CA ILE B 27 -17.90 -11.95 5.91
C ILE B 27 -18.45 -10.52 5.98
N THR B 28 -17.64 -9.64 6.56
CA THR B 28 -17.98 -8.22 6.61
C THR B 28 -16.80 -7.42 6.06
N ILE B 29 -17.11 -6.47 5.19
CA ILE B 29 -16.10 -5.60 4.60
C ILE B 29 -16.50 -4.15 4.81
N VAL B 30 -15.54 -3.33 5.24
CA VAL B 30 -15.73 -1.89 5.32
C VAL B 30 -14.66 -1.19 4.49
N ALA B 31 -15.10 -0.32 3.58
CA ALA B 31 -14.19 0.37 2.69
C ALA B 31 -14.39 1.86 2.78
N ALA B 32 -13.29 2.61 2.81
CA ALA B 32 -13.35 4.06 2.91
C ALA B 32 -12.25 4.69 2.08
N GLY B 33 -12.37 5.99 1.84
CA GLY B 33 -11.32 6.70 1.14
C GLY B 33 -11.79 7.40 -0.12
N TRP B 34 -10.82 7.99 -0.82
CA TRP B 34 -11.09 8.81 -1.99
C TRP B 34 -10.17 8.40 -3.12
N ALA B 35 -10.73 8.24 -4.31
CA ALA B 35 -9.96 7.81 -5.46
C ALA B 35 -10.49 8.40 -6.76
N SER B 36 -9.67 8.33 -7.81
CA SER B 36 -10.07 8.84 -9.10
C SER B 36 -9.63 7.94 -10.25
N TYR B 37 -10.47 7.87 -11.28
CA TYR B 37 -10.15 7.13 -12.49
C TYR B 37 -9.62 8.07 -13.56
N GLY B 38 -9.14 9.24 -13.16
CA GLY B 38 -8.60 10.18 -14.13
C GLY B 38 -8.79 11.65 -13.78
N PRO B 39 -10.05 12.07 -13.59
CA PRO B 39 -10.36 13.47 -13.28
C PRO B 39 -9.69 13.95 -12.01
N THR B 40 -9.59 15.27 -11.86
CA THR B 40 -8.95 15.89 -10.70
C THR B 40 -9.79 15.67 -9.44
N GLN B 41 -11.10 15.51 -9.63
CA GLN B 41 -12.02 15.21 -8.54
C GLN B 41 -11.77 13.79 -8.01
N LYS B 42 -12.37 13.47 -6.87
CA LYS B 42 -12.27 12.12 -6.32
C LYS B 42 -13.63 11.62 -5.86
N TRP B 43 -13.80 10.30 -5.89
CA TRP B 43 -15.06 9.69 -5.47
C TRP B 43 -14.80 8.66 -4.39
N GLY B 44 -15.84 8.31 -3.64
CA GLY B 44 -15.75 7.28 -2.62
C GLY B 44 -15.89 5.89 -3.21
N PRO B 45 -15.98 4.88 -2.34
CA PRO B 45 -16.02 3.45 -2.69
C PRO B 45 -17.20 3.08 -3.58
N GLN B 46 -18.19 3.95 -3.68
CA GLN B 46 -19.34 3.69 -4.56
C GLN B 46 -19.09 4.22 -5.98
N GLY B 47 -18.01 4.97 -6.14
CA GLY B 47 -17.62 5.47 -7.44
C GLY B 47 -18.44 6.66 -7.93
N ASP B 48 -18.36 6.91 -9.23
CA ASP B 48 -18.99 8.07 -9.86
C ASP B 48 -20.30 7.69 -10.53
N ARG B 49 -21.41 8.05 -9.90
CA ARG B 49 -22.74 7.68 -10.39
C ARG B 49 -23.15 8.40 -11.67
N GLU B 50 -22.36 9.38 -12.09
CA GLU B 50 -22.70 10.16 -13.28
C GLU B 50 -21.87 9.81 -14.51
N HIS B 51 -20.90 8.92 -14.35
CA HIS B 51 -20.01 8.55 -15.44
C HIS B 51 -20.54 7.29 -16.13
N PRO B 52 -20.67 7.33 -17.47
CA PRO B 52 -21.20 6.16 -18.19
C PRO B 52 -20.22 4.98 -18.17
N ASP B 53 -20.78 3.78 -18.22
CA ASP B 53 -19.98 2.56 -18.28
C ASP B 53 -19.41 2.42 -19.68
N GLN B 54 -18.08 2.53 -19.80
CA GLN B 54 -17.42 2.45 -21.10
C GLN B 54 -16.57 1.20 -21.24
N GLY B 55 -16.94 0.14 -20.52
CA GLY B 55 -16.20 -1.11 -20.57
C GLY B 55 -15.56 -1.47 -19.24
N LEU B 56 -16.26 -1.17 -18.15
CA LEU B 56 -15.76 -1.43 -16.80
C LEU B 56 -15.59 -2.92 -16.53
N ILE B 57 -14.67 -3.27 -15.64
CA ILE B 57 -14.46 -4.67 -15.30
C ILE B 57 -15.63 -5.23 -14.49
N CYS B 58 -16.42 -4.33 -13.91
CA CYS B 58 -17.66 -4.73 -13.26
C CYS B 58 -18.79 -3.84 -13.72
N HIS B 59 -19.71 -4.39 -14.50
CA HIS B 59 -20.82 -3.62 -15.05
C HIS B 59 -21.91 -3.37 -14.00
N ASP B 60 -21.80 -4.05 -12.87
CA ASP B 60 -22.80 -3.94 -11.80
C ASP B 60 -22.41 -2.91 -10.74
N ALA B 61 -21.38 -2.13 -11.04
CA ALA B 61 -20.98 -1.03 -10.15
C ALA B 61 -20.48 0.14 -10.97
N PHE B 62 -20.47 1.32 -10.36
CA PHE B 62 -20.05 2.53 -11.06
C PHE B 62 -18.55 2.56 -11.29
N CYS B 63 -18.13 3.33 -12.29
CA CYS B 63 -16.71 3.58 -12.50
C CYS B 63 -16.13 4.21 -11.24
N GLY B 64 -15.02 3.69 -10.76
CA GLY B 64 -14.39 4.21 -9.56
C GLY B 64 -14.88 3.56 -8.27
N ALA B 65 -15.72 2.53 -8.40
CA ALA B 65 -16.19 1.82 -7.22
C ALA B 65 -15.24 0.70 -6.84
N LEU B 66 -15.31 0.25 -5.60
CA LEU B 66 -14.54 -0.91 -5.17
C LEU B 66 -15.32 -2.19 -5.52
N VAL B 67 -14.64 -3.11 -6.19
CA VAL B 67 -15.23 -4.41 -6.49
C VAL B 67 -14.28 -5.53 -6.06
N MET B 68 -14.70 -6.78 -6.22
CA MET B 68 -13.85 -7.89 -5.83
C MET B 68 -14.06 -9.13 -6.68
N LYS B 69 -13.07 -10.01 -6.63
CA LYS B 69 -13.20 -11.36 -7.18
C LYS B 69 -12.95 -12.35 -6.07
N ILE B 70 -13.72 -13.43 -6.06
CA ILE B 70 -13.50 -14.51 -5.10
C ILE B 70 -13.05 -15.75 -5.88
N GLY B 71 -11.78 -16.11 -5.73
CA GLY B 71 -11.20 -17.16 -6.54
C GLY B 71 -11.14 -16.76 -7.99
N ASN B 72 -11.79 -17.54 -8.84
CA ASN B 72 -11.88 -17.20 -10.26
C ASN B 72 -13.29 -16.80 -10.67
N SER B 73 -14.03 -16.19 -9.74
CA SER B 73 -15.37 -15.71 -10.04
C SER B 73 -15.30 -14.50 -10.96
N GLY B 74 -16.46 -14.04 -11.41
CA GLY B 74 -16.54 -12.77 -12.08
C GLY B 74 -16.45 -11.69 -11.02
N THR B 75 -16.44 -10.43 -11.43
CA THR B 75 -16.37 -9.33 -10.46
C THR B 75 -17.67 -9.23 -9.65
N ILE B 76 -17.52 -8.84 -8.39
CA ILE B 76 -18.65 -8.66 -7.49
C ILE B 76 -18.55 -7.29 -6.83
N PRO B 77 -19.64 -6.51 -6.87
CA PRO B 77 -19.63 -5.18 -6.27
C PRO B 77 -19.34 -5.23 -4.77
N VAL B 78 -18.47 -4.35 -4.29
CA VAL B 78 -18.24 -4.20 -2.86
C VAL B 78 -18.75 -2.85 -2.41
N ASN B 79 -18.43 -1.82 -3.18
CA ASN B 79 -18.82 -0.44 -2.85
C ASN B 79 -18.30 -0.04 -1.46
N THR B 80 -19.18 0.49 -0.62
CA THR B 80 -18.78 0.88 0.74
C THR B 80 -18.51 -0.33 1.63
N GLY B 81 -19.01 -1.49 1.23
CA GLY B 81 -18.77 -2.71 1.99
C GLY B 81 -19.96 -3.65 2.03
N LEU B 82 -19.79 -4.75 2.76
CA LEU B 82 -20.79 -5.79 2.87
C LEU B 82 -20.96 -6.15 4.34
N PHE B 83 -22.20 -6.32 4.78
CA PHE B 83 -22.47 -6.61 6.19
C PHE B 83 -22.92 -8.05 6.41
N ARG B 84 -22.09 -8.83 7.10
CA ARG B 84 -22.37 -10.24 7.37
C ARG B 84 -22.94 -10.92 6.12
N TRP B 85 -22.12 -10.96 5.08
CA TRP B 85 -22.52 -11.31 3.73
C TRP B 85 -22.12 -12.75 3.40
N VAL B 86 -23.01 -13.47 2.72
CA VAL B 86 -22.72 -14.82 2.26
C VAL B 86 -22.67 -14.87 0.73
N ALA B 87 -21.63 -15.51 0.19
CA ALA B 87 -21.45 -15.60 -1.25
C ALA B 87 -22.45 -16.56 -1.90
N PRO B 88 -22.71 -16.37 -3.20
CA PRO B 88 -23.60 -17.28 -3.93
C PRO B 88 -22.97 -18.66 -4.01
N ASN B 89 -23.79 -19.70 -4.02
CA ASN B 89 -23.29 -21.06 -4.19
C ASN B 89 -22.34 -21.15 -5.39
N ASN B 90 -21.34 -22.02 -5.31
CA ASN B 90 -20.36 -22.19 -6.37
C ASN B 90 -19.26 -21.12 -6.39
N VAL B 91 -19.26 -20.25 -5.40
CA VAL B 91 -18.23 -19.24 -5.26
C VAL B 91 -17.34 -19.51 -4.05
N GLN B 92 -16.03 -19.50 -4.26
CA GLN B 92 -15.07 -19.84 -3.21
C GLN B 92 -13.65 -19.56 -3.65
N GLY B 93 -12.80 -19.19 -2.69
CA GLY B 93 -11.41 -18.93 -2.98
C GLY B 93 -10.91 -17.61 -2.41
N ALA B 94 -9.68 -17.24 -2.76
CA ALA B 94 -9.07 -16.01 -2.27
C ALA B 94 -9.81 -14.77 -2.77
N ILE B 95 -9.91 -13.77 -1.89
CA ILE B 95 -10.56 -12.51 -2.26
C ILE B 95 -9.54 -11.51 -2.76
N THR B 96 -9.71 -11.07 -4.00
CA THR B 96 -8.92 -9.97 -4.55
C THR B 96 -9.79 -8.73 -4.71
N LEU B 97 -9.29 -7.60 -4.21
CA LEU B 97 -10.03 -6.34 -4.29
C LEU B 97 -9.53 -5.53 -5.47
N ILE B 98 -10.45 -4.93 -6.22
CA ILE B 98 -10.09 -4.19 -7.42
C ILE B 98 -10.84 -2.88 -7.56
N TYR B 99 -10.14 -1.85 -8.02
CA TYR B 99 -10.77 -0.58 -8.38
C TYR B 99 -11.45 -0.77 -9.74
N ASN B 100 -12.70 -0.32 -9.83
CA ASN B 100 -13.49 -0.52 -11.04
C ASN B 100 -13.15 0.50 -12.12
N ASP B 101 -12.47 0.06 -13.17
CA ASP B 101 -12.14 0.93 -14.28
C ASP B 101 -12.15 0.11 -15.56
N VAL B 102 -11.90 0.77 -16.70
CA VAL B 102 -11.82 0.09 -17.98
C VAL B 102 -10.42 -0.50 -18.13
N PRO B 103 -10.34 -1.77 -18.55
CA PRO B 103 -9.03 -2.40 -18.74
C PRO B 103 -8.11 -1.56 -19.62
N GLY B 104 -6.85 -1.45 -19.23
CA GLY B 104 -5.87 -0.70 -19.99
C GLY B 104 -5.85 0.79 -19.68
N THR B 105 -6.75 1.24 -18.82
CA THR B 105 -6.85 2.66 -18.51
C THR B 105 -6.50 2.99 -17.06
N TYR B 106 -5.93 2.04 -16.34
CA TYR B 106 -5.61 2.25 -14.92
C TYR B 106 -4.42 3.19 -14.71
N GLY B 107 -3.67 3.44 -15.77
CA GLY B 107 -2.43 4.21 -15.66
C GLY B 107 -2.56 5.59 -15.05
N ASN B 108 -3.66 6.29 -15.33
CA ASN B 108 -3.83 7.66 -14.84
C ASN B 108 -4.70 7.76 -13.60
N ASN B 109 -4.90 6.63 -12.92
CA ASN B 109 -5.68 6.60 -11.69
C ASN B 109 -4.88 7.12 -10.50
N SER B 110 -5.59 7.66 -9.50
CA SER B 110 -4.94 8.16 -8.30
C SER B 110 -5.75 7.84 -7.05
N GLY B 111 -5.09 7.85 -5.92
CA GLY B 111 -5.74 7.59 -4.65
C GLY B 111 -5.91 6.11 -4.38
N SER B 112 -6.60 5.79 -3.28
CA SER B 112 -6.80 4.41 -2.87
C SER B 112 -7.91 4.33 -1.85
N PHE B 113 -8.42 3.12 -1.63
CA PHE B 113 -9.40 2.88 -0.58
C PHE B 113 -8.75 2.08 0.53
N SER B 114 -9.08 2.43 1.78
CA SER B 114 -8.64 1.66 2.94
C SER B 114 -9.72 0.63 3.23
N VAL B 115 -9.33 -0.64 3.35
CA VAL B 115 -10.33 -1.70 3.46
C VAL B 115 -10.04 -2.70 4.57
N ASN B 116 -11.07 -2.99 5.37
CA ASN B 116 -11.03 -4.05 6.36
C ASN B 116 -11.92 -5.20 5.94
N ILE B 117 -11.42 -6.42 6.06
CA ILE B 117 -12.23 -7.60 5.81
C ILE B 117 -12.13 -8.58 6.98
N GLY B 118 -13.27 -8.99 7.50
CA GLY B 118 -13.29 -9.95 8.58
C GLY B 118 -14.30 -11.06 8.33
N LYS B 119 -14.01 -12.24 8.88
CA LYS B 119 -14.99 -13.33 8.87
C LYS B 119 -15.81 -13.24 10.15
N ASP B 120 -17.13 -13.37 10.02
CA ASP B 120 -18.01 -13.26 11.16
C ASP B 120 -18.37 -14.63 11.73
N GLN B 121 -19.12 -14.64 12.82
CA GLN B 121 -19.63 -15.88 13.38
C GLN B 121 -20.59 -16.55 12.41
N SER B 122 -20.55 -17.86 12.38
CA SER B 122 -21.46 -18.64 11.53
C SER B 122 -21.71 -20.00 12.14
N ALA C 2 25.50 15.23 -4.90
CA ALA C 2 25.17 13.87 -4.50
C ALA C 2 25.79 13.55 -3.14
N TRP C 3 25.28 12.51 -2.49
CA TRP C 3 25.77 12.12 -1.19
C TRP C 3 26.00 10.61 -1.12
N LYS C 4 27.11 10.22 -0.50
CA LYS C 4 27.39 8.82 -0.23
C LYS C 4 27.96 8.66 1.17
N GLY C 5 27.48 7.66 1.90
CA GLY C 5 27.96 7.44 3.25
C GLY C 5 27.38 6.18 3.85
N GLU C 6 27.75 5.91 5.10
CA GLU C 6 27.26 4.74 5.82
C GLU C 6 26.19 5.13 6.82
N VAL C 7 25.18 4.27 6.97
CA VAL C 7 24.15 4.45 7.98
C VAL C 7 24.27 3.31 8.99
N LEU C 8 24.74 3.62 10.18
CA LEU C 8 24.96 2.60 11.20
C LEU C 8 23.64 2.12 11.80
N ALA C 9 23.51 0.80 11.94
CA ALA C 9 22.29 0.21 12.46
C ALA C 9 22.00 0.64 13.90
N ASN C 10 23.06 0.89 14.67
CA ASN C 10 22.90 1.26 16.08
C ASN C 10 22.75 2.76 16.31
N ASN C 11 22.61 3.52 15.22
CA ASN C 11 22.46 4.97 15.32
C ASN C 11 20.99 5.39 15.36
N GLU C 12 20.45 5.52 16.57
CA GLU C 12 19.02 5.79 16.73
C GLU C 12 18.60 7.15 16.16
N ALA C 13 19.51 8.12 16.23
CA ALA C 13 19.21 9.45 15.71
C ALA C 13 19.13 9.44 14.18
N GLY C 14 19.81 8.49 13.57
CA GLY C 14 19.86 8.39 12.12
C GLY C 14 21.04 9.15 11.56
N GLN C 15 21.30 8.96 10.27
CA GLN C 15 22.42 9.61 9.59
C GLN C 15 21.92 10.74 8.70
N VAL C 16 22.21 11.98 9.10
CA VAL C 16 21.84 13.13 8.29
C VAL C 16 22.74 13.18 7.06
N THR C 17 22.15 13.49 5.91
CA THR C 17 22.90 13.59 4.68
C THR C 17 23.07 15.06 4.27
N SER C 18 23.79 15.29 3.18
CA SER C 18 23.99 16.64 2.67
C SER C 18 22.89 17.01 1.69
N ILE C 19 21.89 16.14 1.58
CA ILE C 19 20.81 16.35 0.62
C ILE C 19 19.68 17.16 1.23
N ILE C 20 19.28 18.23 0.54
CA ILE C 20 18.05 18.93 0.87
C ILE C 20 17.04 18.65 -0.22
N TYR C 21 15.96 17.94 0.11
CA TYR C 21 14.93 17.67 -0.88
C TYR C 21 14.03 18.88 -1.06
N ASN C 22 14.04 19.45 -2.26
CA ASN C 22 13.21 20.60 -2.59
C ASN C 22 12.02 20.17 -3.43
N PRO C 23 10.89 20.87 -3.28
CA PRO C 23 9.69 20.52 -4.06
C PRO C 23 10.03 20.38 -5.54
N GLY C 24 9.63 19.26 -6.14
CA GLY C 24 9.89 19.02 -7.55
C GLY C 24 11.10 18.15 -7.80
N ASP C 25 11.97 18.04 -6.80
CA ASP C 25 13.18 17.24 -6.94
C ASP C 25 12.86 15.78 -7.25
N VAL C 26 13.66 15.20 -8.14
CA VAL C 26 13.59 13.77 -8.43
C VAL C 26 14.90 13.15 -7.96
N ILE C 27 14.82 12.14 -7.10
CA ILE C 27 16.02 11.56 -6.52
C ILE C 27 16.10 10.05 -6.74
N THR C 28 17.33 9.54 -6.74
CA THR C 28 17.56 8.11 -6.75
C THR C 28 18.43 7.72 -5.58
N ILE C 29 18.03 6.67 -4.87
CA ILE C 29 18.79 6.15 -3.74
C ILE C 29 19.10 4.69 -3.99
N VAL C 30 20.35 4.31 -3.74
CA VAL C 30 20.73 2.91 -3.79
C VAL C 30 21.39 2.57 -2.47
N ALA C 31 20.82 1.56 -1.79
CA ALA C 31 21.33 1.14 -0.49
C ALA C 31 21.79 -0.31 -0.56
N ALA C 32 22.88 -0.62 0.12
CA ALA C 32 23.39 -1.97 0.16
C ALA C 32 24.05 -2.26 1.50
N GLY C 33 24.32 -3.53 1.77
CA GLY C 33 25.03 -3.89 2.98
C GLY C 33 24.27 -4.85 3.86
N TRP C 34 24.84 -5.14 5.02
CA TRP C 34 24.27 -6.10 5.94
C TRP C 34 24.25 -5.48 7.34
N ALA C 35 23.14 -5.63 8.04
CA ALA C 35 23.01 -5.09 9.38
C ALA C 35 22.11 -6.00 10.21
N SER C 36 22.10 -5.79 11.52
CA SER C 36 21.28 -6.59 12.41
C SER C 36 20.66 -5.72 13.50
N TYR C 37 19.43 -6.05 13.86
CA TYR C 37 18.75 -5.38 14.96
C TYR C 37 18.95 -6.15 16.26
N GLY C 38 19.94 -7.04 16.29
CA GLY C 38 20.23 -7.78 17.49
C GLY C 38 20.82 -9.17 17.28
N PRO C 39 20.10 -10.02 16.53
CA PRO C 39 20.57 -11.38 16.27
C PRO C 39 21.96 -11.42 15.63
N THR C 40 22.57 -12.60 15.61
CA THR C 40 23.86 -12.80 14.98
C THR C 40 23.71 -12.80 13.46
N GLN C 41 22.52 -13.19 13.01
CA GLN C 41 22.17 -13.14 11.60
C GLN C 41 22.18 -11.69 11.13
N LYS C 42 22.35 -11.50 9.82
CA LYS C 42 22.30 -10.17 9.25
C LYS C 42 21.30 -10.11 8.10
N TRP C 43 20.70 -8.93 7.91
CA TRP C 43 19.73 -8.73 6.84
C TRP C 43 20.12 -7.55 5.98
N GLY C 44 19.61 -7.52 4.75
CA GLY C 44 19.85 -6.41 3.85
C GLY C 44 18.91 -5.25 4.13
N PRO C 45 18.94 -4.22 3.28
CA PRO C 45 18.17 -2.99 3.44
C PRO C 45 16.65 -3.18 3.48
N GLN C 46 16.17 -4.37 3.10
CA GLN C 46 14.75 -4.65 3.18
C GLN C 46 14.36 -5.17 4.57
N GLY C 47 15.36 -5.48 5.39
CA GLY C 47 15.14 -5.94 6.74
C GLY C 47 14.68 -7.38 6.83
N ASP C 48 14.10 -7.74 7.97
CA ASP C 48 13.68 -9.11 8.25
C ASP C 48 12.18 -9.28 8.04
N ARG C 49 11.81 -9.99 6.98
CA ARG C 49 10.40 -10.17 6.61
C ARG C 49 9.62 -11.09 7.54
N GLU C 50 10.33 -11.76 8.45
CA GLU C 50 9.69 -12.73 9.33
C GLU C 50 9.56 -12.24 10.78
N HIS C 51 10.07 -11.05 11.05
CA HIS C 51 10.05 -10.51 12.41
C HIS C 51 8.84 -9.60 12.62
N PRO C 52 8.06 -9.85 13.68
CA PRO C 52 6.89 -9.03 14.00
C PRO C 52 7.25 -7.58 14.36
N ASP C 53 6.35 -6.66 14.06
CA ASP C 53 6.51 -5.25 14.39
C ASP C 53 6.16 -5.02 15.85
N GLN C 54 7.17 -4.68 16.66
CA GLN C 54 6.95 -4.49 18.09
C GLN C 54 7.01 -3.02 18.49
N GLY C 55 6.78 -2.14 17.53
CA GLY C 55 6.79 -0.71 17.78
C GLY C 55 7.88 0.01 17.00
N LEU C 56 8.08 -0.42 15.76
CA LEU C 56 9.13 0.14 14.90
C LEU C 56 8.85 1.60 14.58
N ILE C 57 9.90 2.35 14.26
CA ILE C 57 9.75 3.76 13.90
C ILE C 57 9.07 3.90 12.54
N CYS C 58 9.05 2.82 11.77
CA CYS C 58 8.35 2.79 10.50
C CYS C 58 7.55 1.50 10.35
N HIS C 59 6.24 1.60 10.46
CA HIS C 59 5.38 0.42 10.39
C HIS C 59 5.18 -0.05 8.97
N ASP C 60 5.60 0.76 8.00
CA ASP C 60 5.43 0.44 6.59
C ASP C 60 6.65 -0.28 6.00
N ALA C 61 7.59 -0.64 6.85
CA ALA C 61 8.75 -1.42 6.44
C ALA C 61 9.11 -2.43 7.52
N PHE C 62 9.89 -3.44 7.16
CA PHE C 62 10.27 -4.48 8.09
C PHE C 62 11.33 -3.99 9.09
N CYS C 63 11.42 -4.68 10.22
CA CYS C 63 12.49 -4.45 11.17
C CYS C 63 13.82 -4.68 10.47
N GLY C 64 14.76 -3.76 10.66
CA GLY C 64 16.08 -3.89 10.04
C GLY C 64 16.17 -3.30 8.64
N ALA C 65 15.07 -2.70 8.20
CA ALA C 65 15.04 -2.07 6.88
C ALA C 65 15.56 -0.64 6.95
N LEU C 66 15.98 -0.11 5.82
CA LEU C 66 16.39 1.28 5.74
C LEU C 66 15.19 2.17 5.49
N VAL C 67 15.03 3.21 6.31
CA VAL C 67 13.97 4.18 6.11
C VAL C 67 14.57 5.59 6.12
N MET C 68 13.72 6.60 5.97
CA MET C 68 14.20 7.98 5.98
C MET C 68 13.14 8.98 6.44
N LYS C 69 13.60 10.15 6.84
CA LYS C 69 12.73 11.29 7.03
C LYS C 69 13.19 12.40 6.09
N ILE C 70 12.24 13.19 5.59
CA ILE C 70 12.56 14.38 4.81
C ILE C 70 11.96 15.59 5.54
N GLY C 71 12.84 16.47 6.02
CA GLY C 71 12.39 17.53 6.91
C GLY C 71 11.76 16.92 8.14
N ASN C 72 10.61 17.44 8.56
CA ASN C 72 9.90 16.88 9.70
C ASN C 72 8.78 15.93 9.28
N SER C 73 9.04 15.13 8.25
CA SER C 73 8.06 14.15 7.78
C SER C 73 8.02 12.96 8.72
N GLY C 74 7.05 12.07 8.49
CA GLY C 74 7.05 10.78 9.16
C GLY C 74 8.07 9.91 8.45
N THR C 75 8.32 8.72 8.99
CA THR C 75 9.24 7.78 8.35
C THR C 75 8.72 7.33 6.99
N ILE C 76 9.63 7.24 6.04
CA ILE C 76 9.31 6.77 4.69
C ILE C 76 10.23 5.61 4.34
N PRO C 77 9.65 4.47 3.94
CA PRO C 77 10.45 3.30 3.57
C PRO C 77 11.39 3.59 2.42
N VAL C 78 12.64 3.16 2.55
CA VAL C 78 13.61 3.27 1.47
C VAL C 78 13.98 1.89 0.95
N ASN C 79 14.17 0.96 1.87
CA ASN C 79 14.57 -0.41 1.54
C ASN C 79 15.85 -0.41 0.71
N THR C 80 15.85 -1.15 -0.41
CA THR C 80 17.01 -1.23 -1.28
C THR C 80 17.23 0.08 -2.03
N GLY C 81 16.22 0.94 -2.03
CA GLY C 81 16.35 2.24 -2.66
C GLY C 81 15.13 2.71 -3.42
N LEU C 82 15.28 3.86 -4.08
CA LEU C 82 14.20 4.46 -4.84
C LEU C 82 14.74 4.90 -6.19
N PHE C 83 13.95 4.70 -7.24
CA PHE C 83 14.39 5.01 -8.59
C PHE C 83 13.65 6.21 -9.17
N ARG C 84 14.38 7.30 -9.39
CA ARG C 84 13.79 8.53 -9.92
C ARG C 84 12.46 8.81 -9.21
N TRP C 85 12.58 9.09 -7.92
CA TRP C 85 11.45 9.16 -7.00
C TRP C 85 11.11 10.61 -6.66
N VAL C 86 9.82 10.89 -6.52
CA VAL C 86 9.36 12.21 -6.12
C VAL C 86 8.58 12.11 -4.81
N ALA C 87 8.85 13.01 -3.88
CA ALA C 87 8.22 12.98 -2.57
C ALA C 87 6.74 13.38 -2.64
N PRO C 88 5.94 12.93 -1.66
CA PRO C 88 4.54 13.36 -1.58
C PRO C 88 4.45 14.87 -1.40
N ASN C 89 3.30 15.46 -1.68
CA ASN C 89 3.11 16.89 -1.51
C ASN C 89 3.44 17.31 -0.08
N ASN C 90 4.01 18.51 0.04
CA ASN C 90 4.32 19.10 1.35
C ASN C 90 5.50 18.44 2.07
N VAL C 91 6.12 17.46 1.44
CA VAL C 91 7.31 16.84 2.01
C VAL C 91 8.57 17.50 1.45
N GLN C 92 9.39 18.06 2.34
CA GLN C 92 10.60 18.75 1.92
C GLN C 92 11.52 18.95 3.11
N GLY C 93 12.82 19.11 2.83
CA GLY C 93 13.80 19.33 3.88
C GLY C 93 14.98 18.40 3.80
N ALA C 94 15.86 18.48 4.78
CA ALA C 94 17.06 17.65 4.82
C ALA C 94 16.67 16.18 4.90
N ILE C 95 17.41 15.33 4.20
CA ILE C 95 17.15 13.90 4.26
C ILE C 95 17.98 13.23 5.34
N THR C 96 17.29 12.53 6.24
CA THR C 96 17.96 11.74 7.27
C THR C 96 17.65 10.27 7.04
N LEU C 97 18.69 9.44 7.06
CA LEU C 97 18.54 8.00 6.86
C LEU C 97 18.57 7.28 8.21
N ILE C 98 17.65 6.35 8.41
CA ILE C 98 17.53 5.67 9.71
C ILE C 98 17.31 4.17 9.56
N TYR C 99 17.97 3.41 10.42
CA TYR C 99 17.74 1.98 10.53
C TYR C 99 16.40 1.77 11.24
N ASN C 100 15.56 0.88 10.71
CA ASN C 100 14.22 0.69 11.26
C ASN C 100 14.22 -0.29 12.42
N ASP C 101 14.07 0.23 13.63
CA ASP C 101 14.04 -0.59 14.83
C ASP C 101 13.10 0.05 15.84
N VAL C 102 12.93 -0.60 16.99
CA VAL C 102 12.08 -0.06 18.04
C VAL C 102 12.88 0.96 18.86
N PRO C 103 12.28 2.12 19.13
CA PRO C 103 12.92 3.17 19.92
C PRO C 103 13.49 2.63 21.23
N GLY C 104 14.69 3.07 21.59
CA GLY C 104 15.31 2.66 22.84
C GLY C 104 16.00 1.31 22.77
N THR C 105 15.95 0.66 21.61
CA THR C 105 16.53 -0.67 21.48
C THR C 105 17.67 -0.74 20.47
N TYR C 106 18.25 0.40 20.12
CA TYR C 106 19.29 0.42 19.08
C TYR C 106 20.66 -0.04 19.57
N GLY C 107 20.82 -0.14 20.88
CA GLY C 107 22.11 -0.43 21.49
C GLY C 107 22.78 -1.72 21.08
N ASN C 108 21.99 -2.73 20.74
CA ASN C 108 22.54 -4.04 20.39
C ASN C 108 22.57 -4.29 18.89
N ASN C 109 22.47 -3.22 18.10
CA ASN C 109 22.54 -3.33 16.66
C ASN C 109 23.99 -3.37 16.18
N SER C 110 24.18 -3.84 14.94
CA SER C 110 25.51 -3.91 14.38
C SER C 110 25.44 -3.84 12.85
N GLY C 111 26.59 -3.66 12.21
CA GLY C 111 26.63 -3.53 10.77
C GLY C 111 26.08 -2.18 10.34
N SER C 112 25.95 -2.00 9.03
CA SER C 112 25.48 -0.74 8.48
C SER C 112 25.14 -0.89 7.01
N PHE C 113 24.45 0.10 6.46
CA PHE C 113 24.17 0.13 5.03
C PHE C 113 24.97 1.24 4.39
N SER C 114 25.64 0.92 3.28
CA SER C 114 26.24 1.95 2.44
C SER C 114 25.15 2.50 1.54
N VAL C 115 25.03 3.82 1.48
CA VAL C 115 23.93 4.44 0.75
C VAL C 115 24.41 5.55 -0.18
N ASN C 116 23.87 5.56 -1.40
CA ASN C 116 24.09 6.65 -2.35
C ASN C 116 22.79 7.40 -2.60
N ILE C 117 22.86 8.72 -2.62
CA ILE C 117 21.72 9.54 -3.01
C ILE C 117 22.16 10.55 -4.06
N GLY C 118 21.40 10.64 -5.13
CA GLY C 118 21.66 11.65 -6.14
C GLY C 118 20.37 12.31 -6.57
N LYS C 119 20.48 13.51 -7.12
CA LYS C 119 19.33 14.15 -7.73
C LYS C 119 19.37 13.85 -9.22
N ASP C 120 18.23 13.46 -9.77
CA ASP C 120 18.14 13.15 -11.20
C ASP C 120 17.74 14.38 -11.99
N GLN C 121 17.91 14.32 -13.30
CA GLN C 121 17.55 15.44 -14.15
C GLN C 121 16.03 15.56 -14.25
N SER C 122 15.57 16.81 -14.36
CA SER C 122 14.18 17.11 -14.58
C SER C 122 14.08 17.90 -15.89
N ALA D 2 15.17 4.13 -20.23
CA ALA D 2 15.25 3.31 -19.04
C ALA D 2 14.39 2.06 -19.18
N TRP D 3 14.59 1.10 -18.28
CA TRP D 3 13.87 -0.17 -18.34
C TRP D 3 13.32 -0.54 -16.97
N LYS D 4 12.08 -1.02 -16.95
CA LYS D 4 11.44 -1.50 -15.74
C LYS D 4 10.78 -2.84 -15.99
N GLY D 5 11.04 -3.81 -15.12
CA GLY D 5 10.46 -5.14 -15.28
C GLY D 5 10.78 -6.07 -14.12
N GLU D 6 10.34 -7.32 -14.27
CA GLU D 6 10.56 -8.34 -13.24
C GLU D 6 11.62 -9.34 -13.69
N VAL D 7 12.39 -9.85 -12.73
CA VAL D 7 13.35 -10.90 -12.99
C VAL D 7 12.96 -12.13 -12.18
N LEU D 8 12.42 -13.14 -12.85
CA LEU D 8 11.96 -14.34 -12.18
C LEU D 8 13.14 -15.21 -11.73
N ALA D 9 13.07 -15.69 -10.50
CA ALA D 9 14.14 -16.50 -9.92
C ALA D 9 14.33 -17.81 -10.67
N ASN D 10 13.26 -18.33 -11.25
CA ASN D 10 13.32 -19.61 -11.94
C ASN D 10 13.65 -19.49 -13.43
N ASN D 11 14.00 -18.28 -13.86
CA ASN D 11 14.33 -18.02 -15.25
C ASN D 11 15.83 -18.18 -15.50
N GLU D 12 16.26 -19.39 -15.83
CA GLU D 12 17.68 -19.71 -15.97
C GLU D 12 18.35 -18.92 -17.09
N ALA D 13 17.61 -18.66 -18.16
CA ALA D 13 18.14 -17.94 -19.31
C ALA D 13 18.38 -16.47 -18.98
N GLY D 14 17.61 -15.95 -18.02
CA GLY D 14 17.72 -14.55 -17.64
C GLY D 14 16.75 -13.66 -18.40
N GLN D 15 16.67 -12.40 -17.98
CA GLN D 15 15.77 -11.44 -18.58
C GLN D 15 16.55 -10.38 -19.33
N VAL D 16 16.41 -10.36 -20.65
CA VAL D 16 17.09 -9.35 -21.46
C VAL D 16 16.35 -8.02 -21.35
N THR D 17 17.07 -6.99 -20.91
CA THR D 17 16.48 -5.66 -20.75
C THR D 17 16.58 -4.88 -22.06
N SER D 18 15.99 -3.68 -22.07
CA SER D 18 16.05 -2.81 -23.24
C SER D 18 17.33 -1.97 -23.22
N ILE D 19 18.14 -2.20 -22.20
CA ILE D 19 19.37 -1.44 -22.03
C ILE D 19 20.54 -2.06 -22.79
N ILE D 20 21.07 -1.34 -23.77
CA ILE D 20 22.28 -1.74 -24.45
C ILE D 20 23.44 -0.92 -23.90
N TYR D 21 24.29 -1.53 -23.09
CA TYR D 21 25.40 -0.80 -22.50
C TYR D 21 26.49 -0.52 -23.54
N ASN D 22 26.83 0.76 -23.70
CA ASN D 22 27.89 1.17 -24.60
C ASN D 22 29.06 1.76 -23.83
N PRO D 23 30.27 1.74 -24.41
CA PRO D 23 31.44 2.35 -23.78
C PRO D 23 31.18 3.79 -23.35
N GLY D 24 31.52 4.11 -22.10
CA GLY D 24 31.34 5.46 -21.59
C GLY D 24 30.03 5.63 -20.83
N ASP D 25 29.09 4.72 -21.06
CA ASP D 25 27.77 4.81 -20.42
C ASP D 25 27.85 4.78 -18.91
N VAL D 26 27.04 5.64 -18.28
CA VAL D 26 26.86 5.60 -16.83
C VAL D 26 25.45 5.10 -16.55
N ILE D 27 25.31 4.07 -15.72
CA ILE D 27 24.00 3.50 -15.45
C ILE D 27 23.69 3.39 -13.96
N THR D 28 22.41 3.33 -13.64
CA THR D 28 21.96 3.15 -12.27
C THR D 28 20.91 2.05 -12.24
N ILE D 29 21.04 1.13 -11.29
CA ILE D 29 20.09 0.05 -11.14
C ILE D 29 19.58 0.02 -9.71
N VAL D 30 18.28 -0.19 -9.56
CA VAL D 30 17.67 -0.40 -8.25
C VAL D 30 16.82 -1.66 -8.32
N ALA D 31 17.13 -2.61 -7.45
CA ALA D 31 16.43 -3.89 -7.44
C ALA D 31 15.78 -4.12 -6.08
N ALA D 32 14.59 -4.69 -6.09
CA ALA D 32 13.84 -4.96 -4.86
C ALA D 32 13.02 -6.24 -5.00
N GLY D 33 12.57 -6.77 -3.88
CA GLY D 33 11.72 -7.96 -3.89
C GLY D 33 12.28 -9.13 -3.10
N TRP D 34 11.56 -10.24 -3.15
CA TRP D 34 11.94 -11.44 -2.42
C TRP D 34 11.87 -12.66 -3.32
N ALA D 35 12.91 -13.48 -3.28
CA ALA D 35 12.94 -14.69 -4.10
C ALA D 35 13.63 -15.81 -3.34
N SER D 36 13.55 -17.02 -3.90
CA SER D 36 14.17 -18.18 -3.27
C SER D 36 14.78 -19.11 -4.30
N TYR D 37 15.92 -19.70 -3.93
CA TYR D 37 16.60 -20.68 -4.78
C TYR D 37 16.19 -22.09 -4.38
N GLY D 38 15.04 -22.22 -3.72
CA GLY D 38 14.56 -23.52 -3.31
C GLY D 38 13.81 -23.56 -2.00
N PRO D 39 14.48 -23.19 -0.89
CA PRO D 39 13.88 -23.24 0.45
C PRO D 39 12.62 -22.40 0.55
N THR D 40 11.83 -22.63 1.60
CA THR D 40 10.60 -21.87 1.81
C THR D 40 10.91 -20.43 2.23
N GLN D 41 12.11 -20.22 2.74
CA GLN D 41 12.56 -18.89 3.12
C GLN D 41 12.86 -18.06 1.85
N LYS D 42 12.82 -16.74 1.98
CA LYS D 42 13.12 -15.87 0.85
C LYS D 42 14.16 -14.80 1.20
N TRP D 43 14.93 -14.39 0.18
CA TRP D 43 16.01 -13.44 0.36
C TRP D 43 15.88 -12.29 -0.63
N GLY D 44 16.46 -11.16 -0.30
CA GLY D 44 16.47 -10.01 -1.19
C GLY D 44 17.54 -10.14 -2.26
N PRO D 45 17.72 -9.07 -3.05
CA PRO D 45 18.62 -9.00 -4.20
C PRO D 45 20.08 -9.33 -3.87
N GLN D 46 20.45 -9.28 -2.60
CA GLN D 46 21.81 -9.62 -2.19
C GLN D 46 21.96 -11.12 -1.96
N GLY D 47 20.83 -11.83 -1.90
CA GLY D 47 20.85 -13.27 -1.75
C GLY D 47 21.10 -13.76 -0.33
N ASP D 48 21.51 -15.01 -0.22
CA ASP D 48 21.69 -15.68 1.07
C ASP D 48 23.16 -15.76 1.45
N ARG D 49 23.58 -14.89 2.37
CA ARG D 49 24.99 -14.82 2.79
C ARG D 49 25.43 -16.07 3.56
N GLU D 50 24.46 -16.91 3.92
CA GLU D 50 24.73 -18.10 4.71
C GLU D 50 25.04 -19.31 3.83
N HIS D 51 24.55 -19.27 2.60
CA HIS D 51 24.61 -20.43 1.71
C HIS D 51 25.96 -20.51 0.98
N PRO D 52 26.55 -21.70 0.94
CA PRO D 52 27.84 -21.90 0.27
C PRO D 52 27.70 -21.88 -1.25
N ASP D 53 28.79 -21.56 -1.93
CA ASP D 53 28.82 -21.55 -3.39
C ASP D 53 29.07 -22.95 -3.92
N GLN D 54 28.03 -23.58 -4.46
CA GLN D 54 28.15 -24.94 -4.97
C GLN D 54 28.17 -24.98 -6.50
N GLY D 55 28.63 -23.89 -7.11
CA GLY D 55 28.74 -23.82 -8.55
C GLY D 55 27.81 -22.78 -9.17
N LEU D 56 27.73 -21.62 -8.53
CA LEU D 56 26.85 -20.55 -8.99
C LEU D 56 27.35 -19.94 -10.30
N ILE D 57 26.44 -19.35 -11.07
CA ILE D 57 26.81 -18.70 -12.31
C ILE D 57 27.67 -17.45 -12.05
N CYS D 58 27.62 -16.96 -10.82
CA CYS D 58 28.47 -15.85 -10.40
C CYS D 58 29.06 -16.13 -9.03
N HIS D 59 30.38 -16.36 -8.99
CA HIS D 59 31.06 -16.68 -7.75
C HIS D 59 31.33 -15.44 -6.90
N ASP D 60 31.12 -14.26 -7.48
CA ASP D 60 31.35 -13.01 -6.77
C ASP D 60 30.08 -12.46 -6.12
N ALA D 61 29.04 -13.28 -6.08
CA ALA D 61 27.80 -12.90 -5.42
C ALA D 61 27.24 -14.12 -4.69
N PHE D 62 26.38 -13.90 -3.71
CA PHE D 62 25.79 -15.01 -2.96
C PHE D 62 24.71 -15.71 -3.78
N CYS D 63 24.37 -16.93 -3.38
CA CYS D 63 23.27 -17.65 -4.01
C CYS D 63 21.98 -16.89 -3.77
N GLY D 64 21.22 -16.65 -4.83
CA GLY D 64 19.96 -15.94 -4.71
C GLY D 64 20.10 -14.43 -4.93
N ALA D 65 21.31 -13.99 -5.28
CA ALA D 65 21.53 -12.58 -5.56
C ALA D 65 21.22 -12.26 -7.01
N LEU D 66 20.94 -10.99 -7.28
CA LEU D 66 20.76 -10.54 -8.65
C LEU D 66 22.11 -10.27 -9.31
N VAL D 67 22.32 -10.86 -10.48
CA VAL D 67 23.55 -10.61 -11.24
C VAL D 67 23.18 -10.23 -12.67
N MET D 68 24.18 -9.88 -13.47
CA MET D 68 23.91 -9.52 -14.86
C MET D 68 25.03 -9.93 -15.81
N LYS D 69 24.69 -9.96 -17.10
CA LYS D 69 25.68 -10.06 -18.14
C LYS D 69 25.52 -8.85 -19.04
N ILE D 70 26.63 -8.35 -19.58
CA ILE D 70 26.59 -7.26 -20.54
C ILE D 70 27.18 -7.81 -21.83
N GLY D 71 26.33 -7.98 -22.84
CA GLY D 71 26.75 -8.69 -24.02
C GLY D 71 27.09 -10.12 -23.61
N ASN D 72 28.22 -10.61 -24.11
CA ASN D 72 28.66 -11.96 -23.76
C ASN D 72 29.68 -11.99 -22.63
N SER D 73 29.61 -11.00 -21.74
CA SER D 73 30.55 -10.89 -20.63
C SER D 73 30.32 -12.01 -19.63
N GLY D 74 31.25 -12.14 -18.68
CA GLY D 74 31.03 -13.00 -17.54
C GLY D 74 30.00 -12.34 -16.64
N THR D 75 29.53 -13.07 -15.63
CA THR D 75 28.53 -12.51 -14.72
C THR D 75 29.12 -11.39 -13.88
N ILE D 76 28.30 -10.38 -13.61
CA ILE D 76 28.69 -9.23 -12.80
C ILE D 76 27.62 -9.02 -11.75
N PRO D 77 28.03 -8.91 -10.48
CA PRO D 77 27.06 -8.76 -9.38
C PRO D 77 26.30 -7.44 -9.46
N VAL D 78 24.99 -7.52 -9.24
CA VAL D 78 24.16 -6.31 -9.18
C VAL D 78 23.67 -6.10 -7.75
N ASN D 79 23.27 -7.19 -7.10
CA ASN D 79 22.73 -7.10 -5.75
C ASN D 79 21.58 -6.09 -5.71
N THR D 80 21.57 -5.22 -4.70
CA THR D 80 20.50 -4.25 -4.57
C THR D 80 20.53 -3.21 -5.68
N GLY D 81 21.64 -3.14 -6.41
CA GLY D 81 21.78 -2.19 -7.50
C GLY D 81 23.13 -1.53 -7.61
N LEU D 82 23.22 -0.56 -8.52
CA LEU D 82 24.45 0.13 -8.82
C LEU D 82 24.16 1.61 -8.95
N PHE D 83 25.07 2.44 -8.44
CA PHE D 83 24.83 3.89 -8.48
C PHE D 83 25.79 4.60 -9.43
N ARG D 84 25.25 5.13 -10.52
CA ARG D 84 26.02 5.87 -11.51
C ARG D 84 27.31 5.13 -11.81
N TRP D 85 27.15 3.94 -12.38
CA TRP D 85 28.19 2.93 -12.49
C TRP D 85 28.70 2.83 -13.92
N VAL D 86 30.01 2.65 -14.06
CA VAL D 86 30.62 2.46 -15.38
C VAL D 86 31.27 1.08 -15.45
N ALA D 87 31.04 0.39 -16.56
CA ALA D 87 31.54 -0.98 -16.73
C ALA D 87 33.03 -1.04 -17.02
N PRO D 88 33.63 -2.23 -16.81
CA PRO D 88 35.03 -2.45 -17.17
C PRO D 88 35.26 -2.23 -18.66
N ASN D 89 36.50 -1.95 -19.04
CA ASN D 89 36.83 -1.74 -20.44
C ASN D 89 36.38 -2.90 -21.33
N ASN D 90 35.90 -2.58 -22.53
CA ASN D 90 35.52 -3.58 -23.53
C ASN D 90 34.27 -4.39 -23.19
N VAL D 91 33.58 -4.02 -22.10
CA VAL D 91 32.31 -4.65 -21.78
C VAL D 91 31.18 -3.82 -22.40
N GLN D 92 30.39 -4.46 -23.26
CA GLN D 92 29.30 -3.76 -23.92
C GLN D 92 28.29 -4.74 -24.51
N GLY D 93 27.07 -4.25 -24.73
CA GLY D 93 26.02 -5.08 -25.29
C GLY D 93 24.77 -5.02 -24.44
N ALA D 94 23.78 -5.83 -24.78
CA ALA D 94 22.51 -5.86 -24.05
C ALA D 94 22.74 -6.33 -22.61
N ILE D 95 22.03 -5.70 -21.67
CA ILE D 95 22.09 -6.15 -20.29
C ILE D 95 21.07 -7.25 -20.03
N THR D 96 21.57 -8.41 -19.60
CA THR D 96 20.70 -9.51 -19.21
C THR D 96 20.77 -9.67 -17.69
N LEU D 97 19.61 -9.67 -17.04
CA LEU D 97 19.55 -9.81 -15.60
C LEU D 97 19.25 -11.27 -15.24
N ILE D 98 20.00 -11.80 -14.28
CA ILE D 98 19.87 -13.21 -13.94
C ILE D 98 19.88 -13.45 -12.43
N TYR D 99 19.04 -14.37 -11.99
CA TYR D 99 19.03 -14.83 -10.61
C TYR D 99 20.21 -15.77 -10.42
N ASN D 100 21.00 -15.55 -9.38
CA ASN D 100 22.22 -16.31 -9.16
C ASN D 100 21.93 -17.68 -8.55
N ASP D 101 22.17 -18.73 -9.32
CA ASP D 101 21.95 -20.09 -8.85
C ASP D 101 22.88 -21.05 -9.59
N VAL D 102 22.85 -22.32 -9.19
CA VAL D 102 23.61 -23.35 -9.87
C VAL D 102 22.90 -23.78 -11.15
N PRO D 103 23.65 -23.83 -12.26
CA PRO D 103 23.10 -24.24 -13.56
C PRO D 103 22.27 -25.51 -13.43
N GLY D 104 21.09 -25.52 -14.03
CA GLY D 104 20.24 -26.69 -14.03
C GLY D 104 19.42 -26.89 -12.77
N THR D 105 19.50 -25.94 -11.84
CA THR D 105 18.76 -26.06 -10.60
C THR D 105 17.68 -24.99 -10.43
N TYR D 106 17.49 -24.17 -11.47
CA TYR D 106 16.51 -23.10 -11.40
C TYR D 106 15.06 -23.61 -11.27
N GLY D 107 14.89 -24.91 -11.46
CA GLY D 107 13.57 -25.52 -11.48
C GLY D 107 12.68 -25.26 -10.27
N ASN D 108 13.27 -25.28 -9.08
CA ASN D 108 12.51 -25.13 -7.84
C ASN D 108 12.55 -23.70 -7.28
N ASN D 109 12.90 -22.74 -8.13
CA ASN D 109 12.97 -21.35 -7.70
C ASN D 109 11.59 -20.68 -7.69
N SER D 110 11.45 -19.66 -6.85
CA SER D 110 10.19 -18.92 -6.77
C SER D 110 10.45 -17.45 -6.47
N GLY D 111 9.46 -16.62 -6.76
CA GLY D 111 9.58 -15.19 -6.52
C GLY D 111 10.30 -14.48 -7.64
N SER D 112 10.53 -13.19 -7.46
CA SER D 112 11.20 -12.39 -8.48
C SER D 112 11.64 -11.05 -7.89
N PHE D 113 12.51 -10.36 -8.60
CA PHE D 113 12.93 -9.02 -8.20
C PHE D 113 12.34 -7.99 -9.16
N SER D 114 11.84 -6.89 -8.62
CA SER D 114 11.45 -5.76 -9.44
C SER D 114 12.70 -4.93 -9.67
N VAL D 115 13.00 -4.64 -10.92
CA VAL D 115 14.25 -3.96 -11.25
C VAL D 115 14.03 -2.76 -12.16
N ASN D 116 14.67 -1.65 -11.81
CA ASN D 116 14.73 -0.48 -12.66
C ASN D 116 16.15 -0.25 -13.13
N ILE D 117 16.32 0.00 -14.43
CA ILE D 117 17.62 0.40 -14.95
C ILE D 117 17.48 1.68 -15.76
N GLY D 118 18.42 2.60 -15.57
CA GLY D 118 18.44 3.81 -16.37
C GLY D 118 19.87 4.20 -16.71
N LYS D 119 20.02 4.99 -17.77
CA LYS D 119 21.31 5.57 -18.08
C LYS D 119 21.34 6.98 -17.50
N ASP D 120 22.42 7.31 -16.80
CA ASP D 120 22.57 8.62 -16.20
C ASP D 120 23.24 9.56 -17.19
N GLN D 121 23.24 10.85 -16.88
CA GLN D 121 23.92 11.81 -17.73
C GLN D 121 25.41 11.52 -17.68
N SER D 122 26.10 11.77 -18.79
CA SER D 122 27.53 11.54 -18.86
C SER D 122 28.16 12.39 -19.95
CA CA E . -29.55 21.35 3.30
C1 147 F . -26.39 24.59 0.66
C2 147 F . -27.78 24.12 1.00
O2 147 F . -28.71 24.67 0.10
C3 147 F . -28.13 24.47 2.37
O3 147 F . -29.43 23.87 2.64
C4 147 F . -27.17 24.01 3.29
O4 147 F . -27.21 22.56 3.39
C5 147 F . -25.77 24.42 2.93
C6 147 F . -24.79 23.80 3.87
O6 147 F . -23.51 24.28 3.85
O5 147 F . -25.45 24.08 1.54
O1 147 F . -26.08 24.17 -0.65
C1' 147 F . -25.06 25.06 -1.17
C2' 147 F . -24.64 26.14 -0.43
C3' 147 F . -23.64 27.03 -0.95
C4' 147 F . -23.12 26.80 -2.17
C5' 147 F . -23.54 25.71 -2.92
C6' 147 F . -24.53 24.84 -2.40
N1' 147 F . -22.10 27.68 -2.72
O2' 147 F . -21.80 28.82 -2.07
O3' 147 F . -21.45 27.33 -3.79
CA CA G . -8.44 5.64 -15.63
C1 147 H . -11.76 8.57 -18.45
C2 147 H . -10.35 8.25 -18.07
O2 147 H . -9.46 9.26 -18.53
C3 147 H . -9.91 6.94 -18.55
O3 147 H . -8.59 6.67 -17.99
C4 147 H . -10.82 5.91 -18.21
O4 147 H . -10.77 5.64 -16.78
C5 147 H . -12.21 6.25 -18.60
C6 147 H . -13.17 5.21 -18.09
O6 147 H . -14.48 5.43 -18.39
O5 147 H . -12.63 7.57 -18.09
O1 147 H . -12.13 9.73 -17.77
C1' 147 H . -13.20 10.44 -18.47
C2' 147 H . -13.84 11.47 -17.84
C3' 147 H . -14.88 12.19 -18.53
C4' 147 H . -15.21 11.85 -19.80
C5' 147 H . -14.54 10.81 -20.43
C6' 147 H . -13.53 10.10 -19.74
N1' 147 H . -16.24 12.60 -20.50
O2' 147 H . -16.41 12.45 -21.81
O3' 147 H . -16.99 13.44 -19.83
CA CA I . 17.80 -3.79 18.43
C1 147 J . 14.85 -8.02 19.22
C2 147 J . 16.02 -7.17 19.62
O2 147 J . 16.81 -7.85 20.57
C3 147 J . 15.58 -5.89 20.17
O3 147 J . 16.79 -5.08 20.42
C4 147 J . 14.69 -5.21 19.31
O4 147 J . 15.37 -4.73 18.11
C5 147 J . 13.55 -6.08 18.87
C6 147 J . 12.71 -5.37 17.85
O6 147 J . 11.49 -5.90 17.58
O5 147 J . 14.02 -7.37 18.34
O1 147 J . 15.37 -9.17 18.59
C1' 147 J . 14.43 -10.28 18.70
C2' 147 J . 13.37 -10.24 19.58
C3' 147 J . 12.47 -11.36 19.66
C4' 147 J . 12.67 -12.44 18.88
C5' 147 J . 13.75 -12.48 18.00
C6' 147 J . 14.63 -11.38 17.92
N1' 147 J . 11.78 -13.61 18.96
O2' 147 J . 10.72 -13.61 19.76
O3' 147 J . 12.02 -14.64 18.20
CA CA K . 17.40 -23.71 -7.14
C1 147 L . 19.48 -25.97 -2.93
C2 147 L . 18.48 -25.89 -4.05
O2 147 L . 17.38 -26.73 -3.78
C3 147 L . 19.08 -26.24 -5.31
O3 147 L . 18.04 -26.08 -6.33
C4 147 L . 20.21 -25.44 -5.61
O4 147 L . 19.78 -24.10 -6.00
C5 147 L . 21.18 -25.32 -4.49
C6 147 L . 22.13 -24.18 -4.77
O6 147 L . 23.27 -24.11 -4.04
O5 147 L . 20.56 -25.12 -3.17
O1 147 L . 18.84 -25.61 -1.74
C1' 147 L . 19.65 -26.05 -0.61
C2' 147 L . 20.63 -27.00 -0.78
C3' 147 L . 21.41 -27.43 0.34
C4' 147 L . 21.19 -26.90 1.57
C5' 147 L . 20.20 -25.95 1.74
C6' 147 L . 19.43 -25.53 0.63
N1' 147 L . 21.98 -27.32 2.71
O2' 147 L . 22.05 -26.54 3.80
O3' 147 L . 22.67 -28.42 2.68
#